data_1A87
#
_entry.id   1A87
#
_cell.length_a   187.300
_cell.length_b   187.300
_cell.length_c   187.300
_cell.angle_alpha   90.00
_cell.angle_beta   90.00
_cell.angle_gamma   90.00
#
_symmetry.space_group_name_H-M   'I 41 3 2'
#
loop_
_entity.id
_entity.type
_entity.pdbx_description
1 polymer 'COLICIN N'
2 water water
#
_entity_poly.entity_id   1
_entity_poly.type   'polypeptide(L)'
_entity_poly.pdbx_seq_one_letter_code
;HGDNNSKPKPGGNSGNRGNNGDGASAKVGEITITPDNSKPGRYISSNPEYSLLAKLIDAESIKGTEVYTFHTRKGQYVKV
TVPDSNIDKMRVDYVNWKGPKYNNKLVKRFVSQFLLFRKEEKEKNEKEALLKASELVSGMGDKLGEYLGVKYKNVAKEVA
NDIKNFHGRNIRSYNEAMASLNKVLANPKMKVNKSDKDAIVNAWKQVNAKDMANKIGNLGKAFKVADLAIKVEKIREKSI
EGYNTGNWGPLLLEVESWIIGGVVAGVAISLFGAVLSFLPISGLAVTALGVIGIMTISYLSSFIDANRVSNINNIISSVI
R
;
_entity_poly.pdbx_strand_id   A
#
# COMPACT_ATOMS: atom_id res chain seq x y z
N SER A 25 9.93 -15.81 -8.77
CA SER A 25 10.60 -16.73 -9.68
C SER A 25 11.55 -17.67 -8.93
N ALA A 26 11.23 -17.92 -7.67
CA ALA A 26 12.04 -18.73 -6.78
C ALA A 26 11.76 -20.22 -6.83
N LYS A 27 12.56 -20.96 -6.08
CA LYS A 27 12.42 -22.40 -6.01
C LYS A 27 11.81 -22.84 -4.70
N VAL A 28 10.70 -23.57 -4.81
CA VAL A 28 9.99 -24.09 -3.66
C VAL A 28 10.22 -25.57 -3.49
N GLY A 29 11.32 -25.90 -2.80
CA GLY A 29 11.70 -27.28 -2.54
C GLY A 29 12.20 -27.99 -3.77
N GLU A 30 11.27 -28.68 -4.43
CA GLU A 30 11.56 -29.45 -5.63
C GLU A 30 11.22 -28.72 -6.92
N ILE A 31 10.25 -27.81 -6.85
CA ILE A 31 9.84 -27.08 -8.03
C ILE A 31 10.20 -25.61 -8.01
N THR A 32 9.72 -24.95 -9.04
CA THR A 32 9.95 -23.54 -9.21
C THR A 32 8.64 -22.79 -9.39
N ILE A 33 8.36 -21.90 -8.44
CA ILE A 33 7.17 -21.09 -8.50
C ILE A 33 7.45 -19.77 -9.16
N THR A 34 6.58 -19.36 -10.04
CA THR A 34 6.77 -18.10 -10.68
C THR A 34 5.50 -17.30 -10.64
N PRO A 35 5.66 -16.05 -10.30
CA PRO A 35 4.54 -15.16 -10.17
C PRO A 35 4.00 -14.72 -11.51
N ASP A 36 2.70 -14.90 -11.70
CA ASP A 36 2.07 -14.51 -12.94
C ASP A 36 2.04 -13.01 -13.07
N ASN A 37 2.96 -12.52 -13.87
CA ASN A 37 3.10 -11.10 -14.15
C ASN A 37 1.75 -10.45 -14.48
N SER A 38 1.01 -11.15 -15.33
CA SER A 38 -0.29 -10.72 -15.80
C SER A 38 -1.36 -10.63 -14.71
N LYS A 39 -1.24 -11.45 -13.67
CA LYS A 39 -2.27 -11.47 -12.65
C LYS A 39 -1.73 -11.65 -11.26
N PRO A 40 -1.84 -10.58 -10.47
CA PRO A 40 -1.37 -10.55 -9.11
C PRO A 40 -2.10 -11.52 -8.21
N GLY A 41 -1.31 -12.21 -7.40
CA GLY A 41 -1.86 -13.18 -6.47
C GLY A 41 -1.92 -14.55 -7.10
N ARG A 42 -1.30 -14.67 -8.27
CA ARG A 42 -1.31 -15.92 -8.96
C ARG A 42 0.09 -16.43 -9.33
N TYR A 43 0.29 -17.74 -9.17
CA TYR A 43 1.59 -18.35 -9.43
C TYR A 43 1.54 -19.53 -10.36
N ILE A 44 2.70 -19.78 -10.96
CA ILE A 44 2.85 -20.88 -11.88
C ILE A 44 3.85 -21.90 -11.39
N SER A 45 3.40 -23.16 -11.37
CA SER A 45 4.20 -24.30 -10.95
C SER A 45 4.98 -24.87 -12.11
N SER A 46 6.28 -25.03 -11.92
CA SER A 46 7.13 -25.58 -12.95
C SER A 46 6.75 -27.03 -13.23
N ASN A 47 6.41 -27.72 -12.15
CA ASN A 47 6.06 -29.10 -12.24
C ASN A 47 4.91 -29.40 -11.30
N PRO A 48 3.73 -29.37 -11.88
CA PRO A 48 2.47 -29.60 -11.21
C PRO A 48 2.45 -30.87 -10.38
N GLU A 49 3.35 -31.78 -10.69
CA GLU A 49 3.43 -33.04 -9.97
C GLU A 49 3.65 -32.84 -8.49
N TYR A 50 4.28 -31.72 -8.13
CA TYR A 50 4.56 -31.42 -6.74
C TYR A 50 3.71 -30.28 -6.23
N SER A 51 2.88 -29.71 -7.09
CA SER A 51 2.00 -28.65 -6.69
C SER A 51 0.56 -29.10 -6.78
N LEU A 52 0.33 -30.29 -6.24
CA LEU A 52 -1.00 -30.88 -6.17
C LEU A 52 -1.65 -31.04 -7.53
N LEU A 53 -0.82 -31.36 -8.51
CA LEU A 53 -1.32 -31.55 -9.85
C LEU A 53 -1.98 -30.30 -10.37
N ALA A 54 -1.46 -29.16 -9.94
CA ALA A 54 -1.98 -27.89 -10.42
C ALA A 54 -0.85 -26.98 -10.90
N LYS A 55 -1.02 -26.43 -12.11
CA LYS A 55 -0.01 -25.55 -12.70
C LYS A 55 -0.17 -24.13 -12.18
N LEU A 56 -1.43 -23.76 -11.98
CA LEU A 56 -1.79 -22.45 -11.51
C LEU A 56 -2.21 -22.42 -10.05
N ILE A 57 -1.72 -21.42 -9.33
CA ILE A 57 -2.08 -21.24 -7.94
C ILE A 57 -2.43 -19.78 -7.66
N ASP A 58 -3.46 -19.60 -6.86
CA ASP A 58 -3.93 -18.28 -6.47
C ASP A 58 -3.85 -18.11 -4.97
N ALA A 59 -3.05 -17.15 -4.52
CA ALA A 59 -2.87 -16.92 -3.10
C ALA A 59 -3.59 -15.68 -2.59
N GLU A 60 -3.98 -15.71 -1.33
CA GLU A 60 -4.71 -14.63 -0.71
C GLU A 60 -4.38 -14.53 0.74
N SER A 61 -4.47 -13.30 1.25
CA SER A 61 -4.23 -13.08 2.65
C SER A 61 -5.18 -12.03 3.19
N ILE A 62 -6.26 -12.50 3.78
CA ILE A 62 -7.24 -11.62 4.37
C ILE A 62 -7.19 -11.76 5.87
N LYS A 63 -7.01 -10.64 6.55
CA LYS A 63 -6.96 -10.63 8.00
C LYS A 63 -5.97 -11.64 8.56
N GLY A 64 -4.84 -11.79 7.88
CA GLY A 64 -3.78 -12.67 8.36
C GLY A 64 -3.92 -14.16 8.06
N THR A 65 -4.93 -14.52 7.30
CA THR A 65 -5.11 -15.91 6.95
C THR A 65 -4.76 -16.09 5.50
N GLU A 66 -3.85 -17.02 5.21
CA GLU A 66 -3.47 -17.27 3.83
C GLU A 66 -4.44 -18.26 3.22
N VAL A 67 -4.75 -18.04 1.94
CA VAL A 67 -5.66 -18.96 1.25
C VAL A 67 -5.13 -19.36 -0.11
N TYR A 68 -4.93 -20.68 -0.26
CA TYR A 68 -4.43 -21.21 -1.51
C TYR A 68 -5.48 -21.94 -2.31
N THR A 69 -5.52 -21.57 -3.59
CA THR A 69 -6.44 -22.15 -4.54
C THR A 69 -5.70 -22.79 -5.70
N PHE A 70 -5.75 -24.12 -5.72
CA PHE A 70 -5.08 -24.90 -6.72
C PHE A 70 -6.02 -25.30 -7.87
N HIS A 71 -5.77 -24.77 -9.05
CA HIS A 71 -6.61 -25.10 -10.18
C HIS A 71 -6.17 -26.38 -10.83
N THR A 72 -6.86 -27.45 -10.48
CA THR A 72 -6.51 -28.72 -11.03
C THR A 72 -7.12 -28.93 -12.40
N ARG A 73 -8.42 -28.79 -12.48
CA ARG A 73 -9.12 -28.94 -13.74
C ARG A 73 -9.98 -27.71 -13.96
N LYS A 74 -10.67 -27.64 -15.09
CA LYS A 74 -11.53 -26.51 -15.30
C LYS A 74 -12.70 -26.57 -14.34
N GLY A 75 -12.92 -25.46 -13.64
CA GLY A 75 -14.00 -25.36 -12.67
C GLY A 75 -13.79 -26.26 -11.46
N GLN A 76 -12.62 -26.85 -11.38
CA GLN A 76 -12.30 -27.72 -10.27
C GLN A 76 -11.11 -27.17 -9.52
N TYR A 77 -11.09 -27.38 -8.20
CA TYR A 77 -9.95 -26.90 -7.44
C TYR A 77 -9.91 -27.35 -6.00
N VAL A 78 -8.73 -27.20 -5.43
CA VAL A 78 -8.48 -27.51 -4.05
C VAL A 78 -8.24 -26.23 -3.29
N LYS A 79 -9.05 -26.00 -2.28
CA LYS A 79 -8.83 -24.82 -1.51
C LYS A 79 -8.08 -25.15 -0.24
N VAL A 80 -7.00 -24.42 -0.03
CA VAL A 80 -6.21 -24.62 1.17
C VAL A 80 -6.20 -23.32 1.93
N THR A 81 -6.61 -23.41 3.18
CA THR A 81 -6.61 -22.23 3.99
C THR A 81 -5.75 -22.40 5.24
N VAL A 82 -4.85 -21.42 5.45
CA VAL A 82 -3.95 -21.44 6.59
C VAL A 82 -4.17 -20.27 7.52
N PRO A 83 -5.00 -20.53 8.51
CA PRO A 83 -5.31 -19.54 9.51
C PRO A 83 -4.07 -19.06 10.23
N ASP A 84 -3.84 -17.75 10.14
CA ASP A 84 -2.72 -17.11 10.79
C ASP A 84 -1.40 -17.74 10.40
N SER A 85 -1.35 -18.20 9.17
CA SER A 85 -0.14 -18.79 8.67
C SER A 85 0.38 -19.89 9.57
N ASN A 86 -0.55 -20.55 10.26
CA ASN A 86 -0.18 -21.65 11.11
C ASN A 86 -0.58 -22.95 10.46
N ILE A 87 0.39 -23.62 9.89
CA ILE A 87 0.15 -24.86 9.19
C ILE A 87 -0.58 -25.87 10.03
N ASP A 88 -0.49 -25.70 11.33
CA ASP A 88 -1.14 -26.66 12.19
C ASP A 88 -2.65 -26.53 12.13
N LYS A 89 -3.11 -25.33 11.80
CA LYS A 89 -4.53 -25.08 11.73
C LYS A 89 -5.09 -25.19 10.31
N MET A 90 -4.26 -25.74 9.44
CA MET A 90 -4.58 -25.93 8.03
C MET A 90 -5.85 -26.73 7.77
N ARG A 91 -6.61 -26.27 6.75
CA ARG A 91 -7.85 -26.87 6.30
C ARG A 91 -7.88 -27.06 4.78
N VAL A 92 -8.34 -28.22 4.33
CA VAL A 92 -8.39 -28.53 2.91
C VAL A 92 -9.81 -28.70 2.41
N ASP A 93 -10.05 -28.24 1.20
CA ASP A 93 -11.38 -28.33 0.66
C ASP A 93 -11.34 -28.61 -0.80
N TYR A 94 -11.99 -29.70 -1.13
CA TYR A 94 -12.09 -30.13 -2.51
C TYR A 94 -13.41 -29.69 -3.07
N VAL A 95 -13.33 -28.81 -4.05
CA VAL A 95 -14.51 -28.26 -4.66
C VAL A 95 -14.71 -28.70 -6.10
N ASN A 96 -15.87 -29.32 -6.34
CA ASN A 96 -16.21 -29.83 -7.67
C ASN A 96 -15.26 -30.96 -8.00
N TRP A 97 -14.97 -31.73 -6.97
CA TRP A 97 -14.04 -32.82 -7.02
C TRP A 97 -14.61 -34.11 -7.55
N LYS A 98 -13.91 -34.61 -8.57
CA LYS A 98 -14.17 -35.88 -9.20
C LYS A 98 -12.90 -36.69 -9.07
N GLY A 99 -12.95 -37.71 -8.23
CA GLY A 99 -11.78 -38.51 -7.99
C GLY A 99 -11.53 -38.66 -6.50
N PRO A 100 -10.39 -39.23 -6.17
CA PRO A 100 -10.04 -39.45 -4.79
C PRO A 100 -9.35 -38.23 -4.21
N LYS A 101 -9.41 -38.10 -2.90
CA LYS A 101 -8.79 -36.98 -2.24
C LYS A 101 -7.33 -37.23 -1.89
N TYR A 102 -6.49 -36.27 -2.25
CA TYR A 102 -5.09 -36.35 -1.95
C TYR A 102 -4.90 -36.58 -0.46
N ASN A 103 -3.81 -37.23 -0.13
CA ASN A 103 -3.49 -37.50 1.24
C ASN A 103 -2.88 -36.24 1.85
N ASN A 104 -3.30 -35.92 3.07
CA ASN A 104 -2.84 -34.72 3.73
C ASN A 104 -1.35 -34.42 3.66
N LYS A 105 -0.53 -35.41 4.08
CA LYS A 105 0.91 -35.25 4.08
C LYS A 105 1.38 -34.64 2.77
N LEU A 106 0.81 -35.14 1.69
CA LEU A 106 1.11 -34.63 0.38
C LEU A 106 0.88 -33.12 0.33
N VAL A 107 -0.32 -32.73 0.70
CA VAL A 107 -0.73 -31.34 0.72
C VAL A 107 0.22 -30.56 1.61
N LYS A 108 0.31 -31.03 2.83
CA LYS A 108 1.16 -30.43 3.83
C LYS A 108 2.56 -30.15 3.31
N ARG A 109 3.14 -31.18 2.70
CA ARG A 109 4.47 -31.12 2.13
C ARG A 109 4.70 -29.84 1.35
N PHE A 110 3.79 -29.59 0.43
CA PHE A 110 3.91 -28.44 -0.44
C PHE A 110 3.57 -27.13 0.23
N VAL A 111 2.45 -27.14 0.92
CA VAL A 111 1.98 -25.96 1.57
C VAL A 111 3.03 -25.32 2.44
N SER A 112 3.67 -26.17 3.21
CA SER A 112 4.72 -25.79 4.12
C SER A 112 5.71 -24.84 3.48
N GLN A 113 6.21 -25.26 2.36
CA GLN A 113 7.17 -24.46 1.66
C GLN A 113 6.55 -23.19 1.11
N PHE A 114 5.43 -23.39 0.41
CA PHE A 114 4.73 -22.29 -0.20
C PHE A 114 4.50 -21.18 0.79
N LEU A 115 4.08 -21.61 1.96
CA LEU A 115 3.84 -20.69 3.04
C LEU A 115 5.05 -19.82 3.27
N LEU A 116 6.14 -20.52 3.46
CA LEU A 116 7.42 -19.92 3.71
C LEU A 116 7.82 -18.95 2.61
N PHE A 117 7.72 -19.41 1.38
CA PHE A 117 8.05 -18.62 0.23
C PHE A 117 7.28 -17.34 0.26
N ARG A 118 5.99 -17.51 0.52
CA ARG A 118 5.11 -16.38 0.58
C ARG A 118 5.60 -15.29 1.52
N LYS A 119 5.93 -15.69 2.75
CA LYS A 119 6.46 -14.74 3.73
C LYS A 119 7.66 -13.99 3.20
N GLU A 120 8.64 -14.73 2.72
CA GLU A 120 9.82 -14.12 2.19
C GLU A 120 9.49 -13.08 1.13
N GLU A 121 8.66 -13.50 0.17
CA GLU A 121 8.22 -12.62 -0.90
C GLU A 121 7.72 -11.29 -0.37
N LYS A 122 6.84 -11.36 0.62
CA LYS A 122 6.28 -10.16 1.23
C LYS A 122 7.36 -9.27 1.82
N GLU A 123 8.14 -9.86 2.74
CA GLU A 123 9.23 -9.18 3.39
C GLU A 123 10.10 -8.46 2.38
N LYS A 124 10.40 -9.16 1.31
CA LYS A 124 11.18 -8.56 0.28
C LYS A 124 10.49 -7.31 -0.28
N ASN A 125 9.33 -7.53 -0.84
CA ASN A 125 8.53 -6.45 -1.42
C ASN A 125 8.35 -5.27 -0.48
N GLU A 126 8.15 -5.54 0.79
CA GLU A 126 7.97 -4.47 1.73
C GLU A 126 9.17 -3.54 1.71
N LYS A 127 10.35 -4.12 1.86
CA LYS A 127 11.57 -3.31 1.87
C LYS A 127 11.75 -2.60 0.55
N GLU A 128 11.49 -3.33 -0.50
CA GLU A 128 11.61 -2.75 -1.80
C GLU A 128 10.73 -1.51 -1.97
N ALA A 129 9.51 -1.58 -1.43
CA ALA A 129 8.56 -0.49 -1.58
C ALA A 129 8.95 0.74 -0.79
N LEU A 130 9.22 0.54 0.48
CA LEU A 130 9.56 1.61 1.37
C LEU A 130 10.71 2.47 0.86
N LEU A 131 11.69 1.81 0.27
CA LEU A 131 12.83 2.49 -0.28
C LEU A 131 12.40 3.45 -1.37
N LYS A 132 11.84 2.87 -2.43
CA LYS A 132 11.36 3.67 -3.53
C LYS A 132 10.43 4.77 -3.06
N ALA A 133 9.57 4.46 -2.09
CA ALA A 133 8.66 5.47 -1.57
C ALA A 133 9.43 6.57 -0.87
N SER A 134 10.41 6.18 -0.07
CA SER A 134 11.21 7.17 0.61
C SER A 134 11.89 8.10 -0.39
N GLU A 135 12.34 7.57 -1.52
CA GLU A 135 12.96 8.39 -2.54
C GLU A 135 11.98 9.47 -3.03
N LEU A 136 10.82 9.01 -3.48
CA LEU A 136 9.78 9.90 -3.95
C LEU A 136 9.51 11.00 -2.93
N VAL A 137 9.35 10.61 -1.67
CA VAL A 137 9.06 11.63 -0.69
C VAL A 137 10.22 12.60 -0.55
N SER A 138 11.41 12.06 -0.59
CA SER A 138 12.57 12.89 -0.47
C SER A 138 12.66 13.90 -1.60
N GLY A 139 12.43 13.43 -2.82
CA GLY A 139 12.51 14.28 -3.97
C GLY A 139 11.46 15.35 -3.89
N MET A 140 10.29 14.95 -3.42
CA MET A 140 9.22 15.88 -3.27
C MET A 140 9.70 16.99 -2.37
N GLY A 141 10.48 16.59 -1.36
CA GLY A 141 11.09 17.53 -0.45
C GLY A 141 11.89 18.58 -1.22
N ASP A 142 12.94 18.12 -1.89
CA ASP A 142 13.78 18.98 -2.71
C ASP A 142 12.97 19.89 -3.62
N LYS A 143 12.03 19.30 -4.35
CA LYS A 143 11.21 20.07 -5.25
C LYS A 143 10.41 21.18 -4.58
N LEU A 144 9.43 20.83 -3.77
CA LEU A 144 8.62 21.86 -3.14
C LEU A 144 9.45 22.81 -2.30
N GLY A 145 10.54 22.33 -1.74
CA GLY A 145 11.34 23.20 -0.90
C GLY A 145 11.82 24.43 -1.65
N GLU A 146 12.04 24.30 -2.95
CA GLU A 146 12.48 25.43 -3.74
C GLU A 146 11.49 26.57 -3.67
N TYR A 147 10.22 26.22 -3.52
CA TYR A 147 9.18 27.22 -3.38
C TYR A 147 8.85 27.43 -1.92
N LEU A 148 8.70 26.34 -1.16
CA LEU A 148 8.28 26.34 0.24
C LEU A 148 9.27 26.80 1.30
N GLY A 149 10.55 26.54 1.13
CA GLY A 149 11.52 26.93 2.14
C GLY A 149 12.32 25.73 2.62
N VAL A 150 13.45 26.00 3.23
CA VAL A 150 14.30 24.93 3.70
C VAL A 150 13.69 24.13 4.84
N LYS A 151 12.99 24.83 5.72
CA LYS A 151 12.34 24.20 6.85
C LYS A 151 11.46 23.08 6.33
N TYR A 152 10.70 23.39 5.28
CA TYR A 152 9.86 22.38 4.66
C TYR A 152 10.70 21.21 4.22
N LYS A 153 11.63 21.51 3.33
CA LYS A 153 12.53 20.53 2.79
C LYS A 153 13.17 19.67 3.88
N ASN A 154 13.52 20.27 5.00
CA ASN A 154 14.16 19.53 6.07
C ASN A 154 13.29 18.44 6.66
N VAL A 155 12.05 18.79 6.99
CA VAL A 155 11.14 17.84 7.58
C VAL A 155 10.77 16.71 6.66
N ALA A 156 10.46 17.09 5.43
CA ALA A 156 10.08 16.14 4.42
C ALA A 156 11.11 15.03 4.38
N LYS A 157 12.37 15.45 4.45
CA LYS A 157 13.47 14.51 4.43
C LYS A 157 13.45 13.54 5.59
N GLU A 158 13.13 14.03 6.77
CA GLU A 158 13.04 13.11 7.88
C GLU A 158 11.90 12.13 7.66
N VAL A 159 10.76 12.66 7.23
CA VAL A 159 9.61 11.82 6.95
C VAL A 159 9.99 10.72 6.00
N ALA A 160 10.76 11.11 4.99
CA ALA A 160 11.23 10.17 3.99
C ALA A 160 12.02 9.05 4.64
N ASN A 161 12.84 9.46 5.60
CA ASN A 161 13.70 8.54 6.31
C ASN A 161 12.89 7.58 7.15
N ASP A 162 11.91 8.12 7.84
CA ASP A 162 11.04 7.32 8.64
C ASP A 162 10.41 6.22 7.79
N ILE A 163 10.02 6.62 6.58
CA ILE A 163 9.43 5.67 5.68
C ILE A 163 10.41 4.59 5.36
N LYS A 164 11.62 5.03 5.01
CA LYS A 164 12.71 4.17 4.65
C LYS A 164 12.99 3.13 5.71
N ASN A 165 12.85 3.52 6.96
CA ASN A 165 13.17 2.59 8.02
C ASN A 165 12.00 2.04 8.79
N PHE A 166 10.85 1.95 8.15
CA PHE A 166 9.70 1.46 8.86
C PHE A 166 9.51 -0.03 8.71
N HIS A 167 9.05 -0.64 9.80
CA HIS A 167 8.72 -2.05 9.88
C HIS A 167 7.20 -2.14 9.99
N GLY A 168 6.58 -3.09 9.30
CA GLY A 168 5.13 -3.19 9.28
C GLY A 168 4.47 -3.53 10.62
N ARG A 169 5.26 -3.91 11.61
CA ARG A 169 4.69 -4.29 12.88
C ARG A 169 4.34 -3.10 13.76
N ASN A 170 4.40 -1.90 13.17
CA ASN A 170 4.11 -0.69 13.89
C ASN A 170 3.25 0.32 13.16
N ILE A 171 2.50 -0.17 12.16
CA ILE A 171 1.60 0.67 11.43
C ILE A 171 0.44 1.05 12.36
N ARG A 172 0.11 2.33 12.41
CA ARG A 172 -0.90 2.79 13.34
C ARG A 172 -2.36 2.56 12.96
N SER A 173 -3.20 2.55 14.00
CA SER A 173 -4.62 2.33 13.86
C SER A 173 -5.29 3.54 13.28
N TYR A 174 -6.45 3.34 12.69
CA TYR A 174 -7.21 4.44 12.14
C TYR A 174 -7.44 5.51 13.21
N ASN A 175 -8.04 5.11 14.32
CA ASN A 175 -8.29 6.08 15.35
C ASN A 175 -6.99 6.70 15.86
N GLU A 176 -5.95 5.88 15.89
CA GLU A 176 -4.65 6.35 16.31
C GLU A 176 -4.15 7.48 15.42
N ALA A 177 -4.15 7.19 14.13
CA ALA A 177 -3.69 8.13 13.13
C ALA A 177 -4.54 9.38 13.11
N MET A 178 -5.85 9.16 13.00
CA MET A 178 -6.82 10.22 12.94
C MET A 178 -6.57 11.28 14.00
N ALA A 179 -6.24 10.84 15.20
CA ALA A 179 -5.89 11.74 16.29
C ALA A 179 -4.75 12.67 15.93
N SER A 180 -3.65 12.08 15.53
CA SER A 180 -2.48 12.85 15.16
C SER A 180 -2.81 13.88 14.09
N LEU A 181 -3.52 13.42 13.08
CA LEU A 181 -3.89 14.30 12.00
C LEU A 181 -4.59 15.53 12.51
N ASN A 182 -5.48 15.31 13.46
CA ASN A 182 -6.23 16.39 14.08
C ASN A 182 -5.34 17.54 14.54
N LYS A 183 -4.26 17.21 15.24
CA LYS A 183 -3.29 18.19 15.72
C LYS A 183 -2.94 19.16 14.61
N VAL A 184 -2.57 18.61 13.48
CA VAL A 184 -2.23 19.43 12.36
C VAL A 184 -3.43 20.25 11.96
N LEU A 185 -4.50 19.52 11.69
CA LEU A 185 -5.76 20.06 11.26
C LEU A 185 -6.26 21.17 12.18
N ALA A 186 -6.09 20.94 13.47
CA ALA A 186 -6.53 21.85 14.51
C ALA A 186 -5.61 23.05 14.65
N ASN A 187 -4.50 23.01 13.93
CA ASN A 187 -3.54 24.10 13.96
C ASN A 187 -4.08 25.34 13.27
N PRO A 188 -4.33 26.37 14.08
CA PRO A 188 -4.88 27.65 13.66
C PRO A 188 -4.39 28.21 12.33
N LYS A 189 -3.07 28.19 12.12
CA LYS A 189 -2.47 28.70 10.90
C LYS A 189 -2.85 27.87 9.71
N MET A 190 -3.11 26.59 9.99
CA MET A 190 -3.50 25.63 8.98
C MET A 190 -4.85 25.95 8.40
N LYS A 191 -4.89 27.03 7.62
CA LYS A 191 -6.10 27.51 6.98
C LYS A 191 -6.14 27.18 5.50
N VAL A 192 -7.32 27.25 4.88
CA VAL A 192 -7.42 26.99 3.46
C VAL A 192 -8.53 27.78 2.76
N ASN A 193 -8.14 28.88 2.14
CA ASN A 193 -9.10 29.72 1.44
C ASN A 193 -9.54 29.11 0.13
N LYS A 194 -10.82 29.26 -0.15
CA LYS A 194 -11.49 28.74 -1.33
C LYS A 194 -10.65 28.73 -2.58
N SER A 195 -10.10 29.90 -2.93
CA SER A 195 -9.26 30.06 -4.11
C SER A 195 -8.24 28.95 -4.20
N ASP A 196 -7.66 28.68 -3.04
CA ASP A 196 -6.69 27.63 -2.89
C ASP A 196 -7.38 26.28 -2.88
N LYS A 197 -8.40 26.16 -2.04
CA LYS A 197 -9.15 24.94 -1.93
C LYS A 197 -9.64 24.43 -3.29
N ASP A 198 -10.22 25.35 -4.06
CA ASP A 198 -10.76 25.01 -5.36
C ASP A 198 -9.70 24.56 -6.36
N ALA A 199 -8.50 25.09 -6.22
CA ALA A 199 -7.42 24.70 -7.11
C ALA A 199 -7.00 23.28 -6.81
N ILE A 200 -6.66 23.07 -5.54
CA ILE A 200 -6.23 21.79 -5.01
C ILE A 200 -7.18 20.72 -5.49
N VAL A 201 -8.44 21.07 -5.39
CA VAL A 201 -9.43 20.15 -5.82
C VAL A 201 -9.36 19.93 -7.31
N ASN A 202 -9.30 21.03 -8.04
CA ASN A 202 -9.24 20.93 -9.47
C ASN A 202 -8.05 20.08 -9.91
N ALA A 203 -6.96 20.18 -9.15
CA ALA A 203 -5.78 19.39 -9.42
C ALA A 203 -6.10 17.90 -9.36
N TRP A 204 -6.68 17.52 -8.23
CA TRP A 204 -7.06 16.14 -7.99
C TRP A 204 -7.89 15.58 -9.12
N LYS A 205 -8.91 16.32 -9.52
CA LYS A 205 -9.80 15.88 -10.60
C LYS A 205 -9.04 15.69 -11.89
N GLN A 206 -8.02 16.52 -12.10
CA GLN A 206 -7.19 16.45 -13.28
C GLN A 206 -6.56 15.08 -13.43
N VAL A 207 -6.58 14.33 -12.36
CA VAL A 207 -5.94 13.03 -12.32
C VAL A 207 -6.65 11.92 -13.07
N ASN A 208 -5.86 11.10 -13.78
CA ASN A 208 -6.34 9.90 -14.45
C ASN A 208 -5.76 8.66 -13.80
N ALA A 209 -6.61 7.98 -13.04
CA ALA A 209 -6.22 6.80 -12.28
C ALA A 209 -5.39 5.83 -13.09
N LYS A 210 -5.89 5.53 -14.27
CA LYS A 210 -5.22 4.61 -15.15
C LYS A 210 -3.77 4.99 -15.37
N ASP A 211 -3.55 6.19 -15.88
CA ASP A 211 -2.19 6.66 -16.12
C ASP A 211 -1.37 6.57 -14.86
N MET A 212 -1.99 7.02 -13.78
CA MET A 212 -1.35 6.96 -12.49
C MET A 212 -0.90 5.54 -12.21
N ALA A 213 -1.90 4.67 -12.24
CA ALA A 213 -1.74 3.26 -12.01
C ALA A 213 -0.57 2.72 -12.78
N ASN A 214 -0.45 3.13 -14.03
CA ASN A 214 0.67 2.66 -14.83
C ASN A 214 1.95 3.22 -14.30
N LYS A 215 1.90 4.53 -14.07
CA LYS A 215 3.01 5.26 -13.54
C LYS A 215 3.53 4.55 -12.30
N ILE A 216 2.62 4.37 -11.36
CA ILE A 216 2.92 3.71 -10.11
C ILE A 216 3.46 2.33 -10.36
N GLY A 217 2.74 1.62 -11.20
CA GLY A 217 3.07 0.25 -11.53
C GLY A 217 4.51 0.12 -11.98
N ASN A 218 4.96 1.11 -12.73
CA ASN A 218 6.30 1.07 -13.28
C ASN A 218 7.39 1.37 -12.28
N LEU A 219 7.01 1.50 -11.03
CA LEU A 219 7.99 1.77 -9.99
C LEU A 219 8.68 0.49 -9.60
N GLY A 220 7.97 -0.62 -9.82
CA GLY A 220 8.53 -1.90 -9.48
C GLY A 220 7.46 -2.93 -9.20
N LYS A 221 7.92 -4.17 -9.19
CA LYS A 221 7.10 -5.34 -8.97
C LYS A 221 6.30 -5.22 -7.70
N ALA A 222 6.95 -4.68 -6.69
CA ALA A 222 6.33 -4.52 -5.39
C ALA A 222 5.07 -3.70 -5.42
N PHE A 223 4.93 -2.82 -6.42
CA PHE A 223 3.75 -1.99 -6.51
C PHE A 223 2.66 -2.66 -7.30
N LYS A 224 2.97 -3.79 -7.89
CA LYS A 224 1.99 -4.48 -8.69
C LYS A 224 0.97 -5.21 -7.81
N VAL A 225 0.10 -4.43 -7.18
CA VAL A 225 -0.95 -4.98 -6.36
C VAL A 225 -2.25 -5.05 -7.14
N ALA A 226 -3.20 -5.76 -6.57
CA ALA A 226 -4.47 -5.93 -7.22
C ALA A 226 -5.32 -4.68 -7.24
N ASP A 227 -6.04 -4.53 -8.33
CA ASP A 227 -6.95 -3.42 -8.47
C ASP A 227 -6.30 -2.09 -8.18
N LEU A 228 -5.10 -1.92 -8.72
CA LEU A 228 -4.35 -0.71 -8.54
C LEU A 228 -5.18 0.53 -8.85
N ALA A 229 -5.71 0.56 -10.07
CA ALA A 229 -6.48 1.70 -10.53
C ALA A 229 -7.69 2.02 -9.66
N ILE A 230 -8.26 1.01 -9.03
CA ILE A 230 -9.38 1.32 -8.16
C ILE A 230 -8.86 2.08 -6.95
N LYS A 231 -7.81 1.52 -6.37
CA LYS A 231 -7.15 2.10 -5.23
C LYS A 231 -6.80 3.53 -5.53
N VAL A 232 -6.21 3.74 -6.70
CA VAL A 232 -5.89 5.09 -7.10
C VAL A 232 -7.13 5.98 -7.08
N GLU A 233 -8.12 5.56 -7.84
CA GLU A 233 -9.36 6.28 -7.94
C GLU A 233 -9.96 6.66 -6.60
N LYS A 234 -9.97 5.70 -5.68
CA LYS A 234 -10.52 5.97 -4.37
C LYS A 234 -9.71 7.00 -3.59
N ILE A 235 -8.40 7.03 -3.82
CA ILE A 235 -7.56 8.04 -3.18
C ILE A 235 -7.96 9.42 -3.65
N ARG A 236 -8.26 9.49 -4.94
CA ARG A 236 -8.64 10.74 -5.54
C ARG A 236 -9.97 11.20 -5.02
N GLU A 237 -10.97 10.34 -5.16
CA GLU A 237 -12.27 10.74 -4.74
C GLU A 237 -12.36 11.18 -3.30
N LYS A 238 -11.74 10.38 -2.44
CA LYS A 238 -11.73 10.67 -1.02
C LYS A 238 -10.84 11.87 -0.68
N SER A 239 -9.79 12.07 -1.51
CA SER A 239 -8.88 13.19 -1.33
C SER A 239 -9.66 14.46 -1.57
N ILE A 240 -10.43 14.43 -2.65
CA ILE A 240 -11.28 15.55 -2.99
C ILE A 240 -12.26 15.83 -1.86
N GLU A 241 -13.07 14.83 -1.54
CA GLU A 241 -14.04 14.97 -0.49
C GLU A 241 -13.45 15.52 0.80
N GLY A 242 -12.23 15.11 1.14
CA GLY A 242 -11.60 15.61 2.34
C GLY A 242 -11.55 17.14 2.31
N TYR A 243 -10.98 17.64 1.22
CA TYR A 243 -10.83 19.06 1.01
C TYR A 243 -12.10 19.83 1.25
N ASN A 244 -13.15 19.50 0.52
CA ASN A 244 -14.38 20.24 0.68
C ASN A 244 -15.24 19.87 1.88
N THR A 245 -14.74 19.08 2.82
CA THR A 245 -15.58 18.73 3.96
C THR A 245 -14.81 18.62 5.24
N GLY A 246 -13.51 18.59 5.15
CA GLY A 246 -12.73 18.46 6.36
C GLY A 246 -12.78 17.03 6.89
N ASN A 247 -13.53 16.18 6.22
CA ASN A 247 -13.52 14.80 6.67
C ASN A 247 -12.45 13.99 5.97
N TRP A 248 -11.51 13.53 6.77
CA TRP A 248 -10.37 12.79 6.26
C TRP A 248 -10.40 11.32 6.62
N GLY A 249 -11.35 10.96 7.48
CA GLY A 249 -11.51 9.58 7.92
C GLY A 249 -11.52 8.61 6.75
N PRO A 250 -12.39 8.89 5.79
CA PRO A 250 -12.52 8.06 4.62
C PRO A 250 -11.20 7.72 3.96
N LEU A 251 -10.33 8.72 3.89
CA LEU A 251 -9.01 8.57 3.32
C LEU A 251 -8.21 7.53 4.10
N LEU A 252 -7.95 7.85 5.36
CA LEU A 252 -7.20 6.97 6.23
C LEU A 252 -7.81 5.59 6.23
N LEU A 253 -9.13 5.56 6.28
CA LEU A 253 -9.82 4.30 6.29
C LEU A 253 -9.54 3.48 5.04
N GLU A 254 -9.48 4.16 3.92
CA GLU A 254 -9.25 3.48 2.66
C GLU A 254 -7.93 2.73 2.70
N VAL A 255 -6.91 3.45 3.11
CA VAL A 255 -5.59 2.88 3.20
C VAL A 255 -5.62 1.65 4.10
N GLU A 256 -6.17 1.83 5.30
CA GLU A 256 -6.26 0.73 6.25
C GLU A 256 -6.97 -0.46 5.61
N SER A 257 -7.97 -0.10 4.81
CA SER A 257 -8.76 -1.08 4.10
C SER A 257 -7.84 -2.02 3.37
N TRP A 258 -7.03 -1.43 2.49
CA TRP A 258 -6.07 -2.14 1.67
C TRP A 258 -5.34 -3.23 2.40
N ILE A 259 -4.84 -2.85 3.56
CA ILE A 259 -4.07 -3.73 4.39
C ILE A 259 -4.85 -4.93 4.85
N ILE A 260 -6.02 -4.68 5.44
CA ILE A 260 -6.82 -5.79 5.91
C ILE A 260 -7.12 -6.73 4.76
N GLY A 261 -7.19 -6.13 3.58
CA GLY A 261 -7.48 -6.85 2.38
C GLY A 261 -6.30 -7.55 1.73
N GLY A 262 -5.14 -7.62 2.39
CA GLY A 262 -4.03 -8.35 1.79
C GLY A 262 -2.74 -7.58 1.48
N VAL A 263 -2.80 -6.26 1.35
CA VAL A 263 -1.60 -5.50 1.06
C VAL A 263 -0.76 -5.27 2.30
N VAL A 264 0.52 -5.61 2.20
CA VAL A 264 1.47 -5.44 3.29
C VAL A 264 1.56 -3.98 3.73
N ALA A 265 1.51 -3.75 5.05
CA ALA A 265 1.59 -2.42 5.63
C ALA A 265 2.61 -1.51 4.95
N GLY A 266 3.84 -1.98 4.82
CA GLY A 266 4.84 -1.18 4.17
C GLY A 266 4.45 -0.75 2.75
N VAL A 267 3.90 -1.68 1.99
CA VAL A 267 3.51 -1.42 0.62
C VAL A 267 2.39 -0.40 0.53
N ALA A 268 1.36 -0.66 1.32
CA ALA A 268 0.19 0.18 1.39
C ALA A 268 0.59 1.65 1.55
N ILE A 269 1.47 1.86 2.50
CA ILE A 269 1.95 3.17 2.76
C ILE A 269 2.68 3.75 1.56
N SER A 270 3.59 2.94 1.03
CA SER A 270 4.41 3.34 -0.09
C SER A 270 3.52 3.74 -1.23
N LEU A 271 2.59 2.85 -1.47
CA LEU A 271 1.62 3.05 -2.50
C LEU A 271 0.92 4.39 -2.30
N PHE A 272 0.50 4.61 -1.07
CA PHE A 272 -0.16 5.83 -0.67
C PHE A 272 0.69 7.03 -1.03
N GLY A 273 1.91 7.03 -0.46
CA GLY A 273 2.87 8.10 -0.67
C GLY A 273 3.11 8.43 -2.15
N ALA A 274 3.31 7.38 -2.94
CA ALA A 274 3.54 7.53 -4.35
C ALA A 274 2.46 8.36 -5.00
N VAL A 275 1.24 7.92 -4.78
CA VAL A 275 0.11 8.61 -5.35
C VAL A 275 0.11 10.04 -4.94
N LEU A 276 0.18 10.24 -3.63
CA LEU A 276 0.19 11.56 -3.03
C LEU A 276 1.18 12.44 -3.74
N SER A 277 2.40 11.92 -3.88
CA SER A 277 3.45 12.65 -4.53
C SER A 277 3.24 12.88 -6.02
N PHE A 278 2.35 12.11 -6.64
CA PHE A 278 2.20 12.28 -8.07
C PHE A 278 1.24 13.36 -8.47
N LEU A 279 0.62 13.99 -7.48
CA LEU A 279 -0.30 15.09 -7.77
C LEU A 279 0.43 16.22 -8.49
N PRO A 280 -0.27 16.84 -9.45
CA PRO A 280 0.24 17.92 -10.29
C PRO A 280 0.08 19.31 -9.66
N ILE A 281 1.21 19.98 -9.45
CA ILE A 281 1.19 21.28 -8.83
C ILE A 281 0.96 22.44 -9.77
N SER A 282 1.05 22.19 -11.07
CA SER A 282 0.83 23.26 -12.02
C SER A 282 -0.57 23.78 -11.80
N GLY A 283 -0.72 25.09 -11.79
CA GLY A 283 -2.05 25.62 -11.57
C GLY A 283 -2.38 25.86 -10.09
N LEU A 284 -1.38 25.70 -9.22
CA LEU A 284 -1.52 25.97 -7.80
C LEU A 284 -0.62 27.11 -7.44
N ALA A 285 -0.98 27.82 -6.39
CA ALA A 285 -0.13 28.89 -5.97
C ALA A 285 0.70 28.45 -4.79
N VAL A 286 1.72 29.22 -4.49
CA VAL A 286 2.63 28.92 -3.41
C VAL A 286 1.88 28.60 -2.13
N THR A 287 0.74 29.22 -1.96
CA THR A 287 -0.02 28.94 -0.77
C THR A 287 -0.60 27.55 -0.81
N ALA A 288 -1.28 27.23 -1.90
CA ALA A 288 -1.84 25.91 -2.08
C ALA A 288 -0.76 24.85 -1.94
N LEU A 289 0.42 25.20 -2.45
CA LEU A 289 1.56 24.32 -2.41
C LEU A 289 1.86 23.90 -1.00
N GLY A 290 1.94 24.90 -0.12
CA GLY A 290 2.22 24.65 1.27
C GLY A 290 1.22 23.66 1.85
N VAL A 291 -0.07 23.88 1.55
CA VAL A 291 -1.11 22.99 2.03
C VAL A 291 -0.79 21.55 1.67
N ILE A 292 -0.72 21.35 0.38
CA ILE A 292 -0.38 20.09 -0.23
C ILE A 292 0.83 19.46 0.44
N GLY A 293 1.91 20.22 0.47
CA GLY A 293 3.13 19.76 1.07
C GLY A 293 2.86 19.33 2.50
N ILE A 294 2.22 20.18 3.27
CA ILE A 294 1.95 19.81 4.64
C ILE A 294 1.10 18.57 4.76
N MET A 295 -0.06 18.59 4.09
CA MET A 295 -0.98 17.48 4.10
C MET A 295 -0.32 16.13 3.86
N THR A 296 0.31 16.00 2.68
CA THR A 296 1.02 14.78 2.26
C THR A 296 1.81 14.24 3.40
N ILE A 297 2.74 15.04 3.73
CA ILE A 297 3.68 14.78 4.75
C ILE A 297 3.00 14.35 6.04
N SER A 298 1.88 15.01 6.35
CA SER A 298 1.13 14.73 7.56
C SER A 298 0.45 13.40 7.55
N TYR A 299 -0.27 13.08 6.47
CA TYR A 299 -0.94 11.79 6.38
C TYR A 299 0.02 10.67 6.65
N LEU A 300 1.19 10.78 6.05
CA LEU A 300 2.18 9.76 6.16
C LEU A 300 2.68 9.57 7.58
N SER A 301 3.09 10.67 8.20
CA SER A 301 3.58 10.52 9.56
C SER A 301 2.50 9.98 10.49
N SER A 302 1.26 10.35 10.19
CA SER A 302 0.12 9.94 10.97
C SER A 302 0.07 8.44 11.16
N PHE A 303 0.45 7.72 10.11
CA PHE A 303 0.44 6.26 10.12
C PHE A 303 1.71 5.66 10.70
N ILE A 304 2.78 6.43 10.64
CA ILE A 304 4.06 5.94 11.06
C ILE A 304 4.53 6.37 12.43
N ASP A 305 4.95 7.63 12.51
CA ASP A 305 5.51 8.19 13.72
C ASP A 305 4.69 9.33 14.26
N ALA A 306 4.21 9.12 15.48
CA ALA A 306 3.44 10.14 16.14
C ALA A 306 4.27 11.40 16.37
N ASN A 307 5.51 11.21 16.78
CA ASN A 307 6.37 12.34 17.06
C ASN A 307 6.68 13.28 15.89
N ARG A 308 6.85 12.72 14.70
CA ARG A 308 7.17 13.56 13.56
C ARG A 308 6.13 14.64 13.38
N VAL A 309 4.90 14.32 13.76
CA VAL A 309 3.80 15.24 13.61
C VAL A 309 4.03 16.57 14.30
N SER A 310 4.60 16.52 15.49
CA SER A 310 4.92 17.73 16.20
C SER A 310 5.76 18.62 15.31
N ASN A 311 6.85 18.02 14.83
CA ASN A 311 7.80 18.66 13.95
C ASN A 311 7.10 19.43 12.86
N ILE A 312 6.20 18.74 12.20
CA ILE A 312 5.42 19.35 11.16
C ILE A 312 4.67 20.59 11.67
N ASN A 313 3.92 20.42 12.75
CA ASN A 313 3.16 21.52 13.32
C ASN A 313 4.03 22.73 13.59
N ASN A 314 5.26 22.46 14.00
CA ASN A 314 6.15 23.54 14.31
C ASN A 314 6.54 24.36 13.09
N ILE A 315 6.51 23.74 11.92
CA ILE A 315 6.90 24.49 10.74
C ILE A 315 5.72 25.03 9.95
N ILE A 316 4.52 24.69 10.38
CA ILE A 316 3.34 25.17 9.68
C ILE A 316 3.34 26.68 9.56
N SER A 317 3.83 27.32 10.63
CA SER A 317 3.91 28.76 10.77
C SER A 317 4.62 29.45 9.62
N SER A 318 5.78 28.93 9.28
CA SER A 318 6.63 29.51 8.26
C SER A 318 6.31 29.05 6.86
N VAL A 319 5.47 28.05 6.74
CA VAL A 319 5.15 27.54 5.43
C VAL A 319 3.83 28.10 4.93
N ILE A 320 2.90 28.25 5.86
CA ILE A 320 1.59 28.75 5.56
C ILE A 320 1.49 30.23 5.91
N ARG A 321 1.71 31.07 4.90
CA ARG A 321 1.65 32.50 5.09
C ARG A 321 2.52 32.94 6.26
#